data_1ZR7
#
_entry.id   1ZR7
#
_entity_poly.entity_id   1
_entity_poly.type   'polypeptide(L)'
_entity_poly.pdbx_seq_one_letter_code
;GSWTEHKSPDGRTYYYNTETKQSTWEKPDD
;
_entity_poly.pdbx_strand_id   A
#
# COMPACT_ATOMS: atom_id res chain seq x y z
N GLY A 1 -0.84 -8.85 -8.89
CA GLY A 1 0.41 -8.60 -8.19
C GLY A 1 1.06 -7.30 -8.62
N SER A 2 0.48 -6.18 -8.17
CA SER A 2 1.00 -4.86 -8.51
C SER A 2 0.90 -3.92 -7.31
N TRP A 3 0.85 -4.49 -6.12
CA TRP A 3 0.75 -3.69 -4.90
C TRP A 3 2.12 -3.48 -4.28
N THR A 4 2.54 -2.22 -4.18
CA THR A 4 3.83 -1.88 -3.61
C THR A 4 3.71 -1.53 -2.14
N GLU A 5 4.63 -2.05 -1.33
CA GLU A 5 4.61 -1.80 0.11
C GLU A 5 5.49 -0.58 0.45
N HIS A 6 4.83 0.51 0.83
CA HIS A 6 5.54 1.73 1.19
C HIS A 6 5.04 2.28 2.52
N LYS A 7 5.98 2.54 3.43
CA LYS A 7 5.64 3.08 4.75
C LYS A 7 5.83 4.58 4.80
N SER A 8 4.91 5.28 5.45
CA SER A 8 4.97 6.73 5.56
C SER A 8 6.22 7.16 6.34
N PRO A 9 6.58 8.44 6.22
CA PRO A 9 7.76 9.00 6.89
C PRO A 9 7.56 9.10 8.40
N ASP A 10 6.37 8.74 8.86
CA ASP A 10 6.04 8.78 10.29
C ASP A 10 6.07 7.39 10.90
N GLY A 11 6.27 6.38 10.05
CA GLY A 11 6.31 5.01 10.52
C GLY A 11 4.98 4.30 10.38
N ARG A 12 4.43 4.34 9.17
CA ARG A 12 3.15 3.69 8.90
C ARG A 12 3.19 2.91 7.59
N THR A 13 3.37 1.60 7.70
CA THR A 13 3.43 0.75 6.52
C THR A 13 2.07 0.69 5.81
N TYR A 14 2.02 1.26 4.62
CA TYR A 14 0.78 1.28 3.84
C TYR A 14 1.00 0.66 2.46
N TYR A 15 -0.04 0.03 1.93
CA TYR A 15 0.04 -0.61 0.63
C TYR A 15 -0.58 0.28 -0.45
N TYR A 16 0.07 0.36 -1.61
CA TYR A 16 -0.42 1.17 -2.71
C TYR A 16 -0.45 0.36 -4.01
N ASN A 17 -1.64 0.23 -4.58
CA ASN A 17 -1.80 -0.52 -5.82
C ASN A 17 -1.43 0.34 -7.03
N THR A 18 -0.52 -0.17 -7.85
CA THR A 18 -0.07 0.55 -9.04
C THR A 18 -1.05 0.36 -10.19
N GLU A 19 -1.94 -0.62 -10.05
CA GLU A 19 -2.93 -0.90 -11.09
C GLU A 19 -4.12 0.05 -10.98
N THR A 20 -4.55 0.31 -9.75
CA THR A 20 -5.67 1.21 -9.51
C THR A 20 -5.20 2.55 -8.94
N LYS A 21 -3.90 2.66 -8.70
CA LYS A 21 -3.33 3.89 -8.17
C LYS A 21 -3.98 4.28 -6.85
N GLN A 22 -4.32 3.26 -6.05
CA GLN A 22 -4.96 3.50 -4.76
C GLN A 22 -4.02 3.13 -3.61
N SER A 23 -4.40 3.52 -2.39
CA SER A 23 -3.59 3.23 -1.21
C SER A 23 -4.47 2.81 -0.05
N THR A 24 -3.94 1.94 0.80
CA THR A 24 -4.68 1.44 1.96
C THR A 24 -3.73 1.12 3.11
N TRP A 25 -4.31 0.96 4.31
CA TRP A 25 -3.51 0.65 5.49
C TRP A 25 -3.53 -0.85 5.78
N GLU A 26 -4.47 -1.56 5.15
CA GLU A 26 -4.58 -3.00 5.33
C GLU A 26 -4.07 -3.76 4.11
N LYS A 27 -3.60 -4.98 4.34
CA LYS A 27 -3.07 -5.80 3.26
C LYS A 27 -4.06 -5.89 2.10
N PRO A 28 -3.56 -6.22 0.90
CA PRO A 28 -4.39 -6.35 -0.29
C PRO A 28 -5.32 -7.56 -0.24
N ASP A 29 -5.05 -8.45 0.70
CA ASP A 29 -5.86 -9.66 0.86
C ASP A 29 -6.72 -9.57 2.12
N ASP A 30 -7.34 -8.41 2.32
CA ASP A 30 -8.20 -8.20 3.49
C ASP A 30 -9.53 -8.92 3.33
N GLY A 1 0.87 -9.20 -7.37
CA GLY A 1 0.25 -8.39 -8.41
C GLY A 1 1.05 -7.13 -8.70
N SER A 2 0.51 -5.99 -8.34
CA SER A 2 1.18 -4.71 -8.57
C SER A 2 1.07 -3.80 -7.36
N TRP A 3 0.94 -4.40 -6.18
CA TRP A 3 0.83 -3.66 -4.93
C TRP A 3 2.19 -3.49 -4.27
N THR A 4 2.64 -2.24 -4.17
CA THR A 4 3.93 -1.94 -3.56
C THR A 4 3.77 -1.62 -2.07
N GLU A 5 4.68 -2.13 -1.25
CA GLU A 5 4.65 -1.89 0.19
C GLU A 5 5.52 -0.69 0.56
N HIS A 6 4.86 0.40 0.97
CA HIS A 6 5.59 1.61 1.35
C HIS A 6 5.07 2.14 2.68
N LYS A 7 5.98 2.37 3.62
CA LYS A 7 5.62 2.88 4.93
C LYS A 7 5.84 4.38 5.01
N SER A 8 4.92 5.09 5.65
CA SER A 8 5.01 6.54 5.80
C SER A 8 6.24 6.92 6.61
N PRO A 9 6.63 8.20 6.52
CA PRO A 9 7.80 8.72 7.25
C PRO A 9 7.55 8.81 8.74
N ASP A 10 6.34 8.46 9.16
CA ASP A 10 5.98 8.49 10.57
C ASP A 10 5.95 7.08 11.16
N GLY A 11 6.17 6.08 10.31
CA GLY A 11 6.16 4.71 10.76
C GLY A 11 4.82 4.03 10.56
N ARG A 12 4.30 4.09 9.34
CA ARG A 12 3.02 3.49 9.03
C ARG A 12 3.09 2.72 7.70
N THR A 13 3.25 1.41 7.79
CA THR A 13 3.33 0.56 6.61
C THR A 13 2.01 0.53 5.86
N TYR A 14 1.97 1.16 4.69
CA TYR A 14 0.76 1.21 3.89
C TYR A 14 1.01 0.60 2.51
N TYR A 15 -0.04 0.01 1.94
CA TYR A 15 0.07 -0.61 0.62
C TYR A 15 -0.52 0.30 -0.46
N TYR A 16 0.18 0.39 -1.59
CA TYR A 16 -0.27 1.24 -2.70
C TYR A 16 -0.31 0.44 -3.99
N ASN A 17 -1.50 0.33 -4.57
CA ASN A 17 -1.69 -0.40 -5.81
C ASN A 17 -1.28 0.46 -7.02
N THR A 18 -0.35 -0.07 -7.81
CA THR A 18 0.12 0.65 -8.99
C THR A 18 -0.81 0.44 -10.17
N GLU A 19 -1.76 -0.47 -10.02
CA GLU A 19 -2.73 -0.76 -11.08
C GLU A 19 -3.88 0.25 -11.05
N THR A 20 -4.31 0.61 -9.85
CA THR A 20 -5.41 1.55 -9.68
C THR A 20 -4.91 2.88 -9.11
N LYS A 21 -3.64 2.91 -8.73
CA LYS A 21 -3.03 4.11 -8.17
C LYS A 21 -3.71 4.49 -6.84
N GLN A 22 -4.06 3.50 -6.05
CA GLN A 22 -4.72 3.73 -4.78
C GLN A 22 -3.81 3.31 -3.61
N SER A 23 -4.21 3.69 -2.40
CA SER A 23 -3.44 3.35 -1.22
C SER A 23 -4.35 2.91 -0.08
N THR A 24 -3.84 2.02 0.77
CA THR A 24 -4.61 1.52 1.90
C THR A 24 -3.71 1.16 3.07
N TRP A 25 -4.31 0.93 4.24
CA TRP A 25 -3.55 0.59 5.43
C TRP A 25 -3.59 -0.92 5.68
N GLU A 26 -4.54 -1.59 5.03
CA GLU A 26 -4.67 -3.04 5.18
C GLU A 26 -4.16 -3.77 3.94
N LYS A 27 -3.69 -4.99 4.13
CA LYS A 27 -3.18 -5.80 3.03
C LYS A 27 -4.18 -5.86 1.89
N PRO A 28 -3.69 -6.16 0.67
CA PRO A 28 -4.52 -6.26 -0.53
C PRO A 28 -5.45 -7.47 -0.49
N ASP A 29 -5.18 -8.39 0.42
CA ASP A 29 -5.99 -9.59 0.55
C ASP A 29 -7.10 -9.39 1.59
N ASP A 30 -6.78 -8.65 2.65
CA ASP A 30 -7.75 -8.37 3.70
C ASP A 30 -8.80 -7.38 3.25
N GLY A 1 -0.42 -9.06 -9.66
CA GLY A 1 -0.22 -8.23 -8.50
C GLY A 1 0.81 -7.15 -8.71
N SER A 2 0.45 -5.91 -8.39
CA SER A 2 1.36 -4.78 -8.56
C SER A 2 1.27 -3.83 -7.37
N TRP A 3 0.96 -4.38 -6.20
CA TRP A 3 0.85 -3.57 -4.99
C TRP A 3 2.21 -3.32 -4.36
N THR A 4 2.59 -2.05 -4.27
CA THR A 4 3.87 -1.68 -3.69
C THR A 4 3.74 -1.36 -2.21
N GLU A 5 4.73 -1.78 -1.43
CA GLU A 5 4.71 -1.53 0.01
C GLU A 5 5.57 -0.31 0.36
N HIS A 6 4.91 0.76 0.79
CA HIS A 6 5.60 1.99 1.16
C HIS A 6 5.11 2.51 2.52
N LYS A 7 6.04 2.78 3.41
CA LYS A 7 5.70 3.27 4.74
C LYS A 7 5.86 4.80 4.81
N SER A 8 4.93 5.45 5.48
CA SER A 8 4.97 6.90 5.61
C SER A 8 6.21 7.34 6.39
N PRO A 9 6.54 8.64 6.27
CA PRO A 9 7.71 9.22 6.94
C PRO A 9 7.52 9.29 8.46
N ASP A 10 6.34 8.90 8.93
CA ASP A 10 6.04 8.92 10.36
C ASP A 10 6.11 7.51 10.95
N GLY A 11 6.34 6.53 10.08
CA GLY A 11 6.42 5.15 10.55
C GLY A 11 5.11 4.41 10.41
N ARG A 12 4.53 4.44 9.21
CA ARG A 12 3.26 3.77 8.96
C ARG A 12 3.31 3.01 7.63
N THR A 13 3.53 1.71 7.71
CA THR A 13 3.59 0.86 6.52
C THR A 13 2.24 0.78 5.83
N TYR A 14 2.13 1.39 4.64
CA TYR A 14 0.89 1.38 3.88
C TYR A 14 1.11 0.79 2.49
N TYR A 15 0.06 0.18 1.95
CA TYR A 15 0.14 -0.43 0.62
C TYR A 15 -0.50 0.47 -0.42
N TYR A 16 0.07 0.47 -1.63
CA TYR A 16 -0.44 1.28 -2.72
C TYR A 16 -0.46 0.49 -4.03
N ASN A 17 -1.65 0.33 -4.59
CA ASN A 17 -1.81 -0.40 -5.84
C ASN A 17 -1.50 0.49 -7.04
N THR A 18 -0.57 0.05 -7.88
CA THR A 18 -0.18 0.80 -9.07
C THR A 18 -1.15 0.57 -10.21
N GLU A 19 -1.96 -0.49 -10.09
CA GLU A 19 -2.93 -0.82 -11.12
C GLU A 19 -4.16 0.08 -11.03
N THR A 20 -4.60 0.35 -9.81
CA THR A 20 -5.76 1.19 -9.57
C THR A 20 -5.36 2.55 -9.01
N LYS A 21 -4.07 2.70 -8.72
CA LYS A 21 -3.55 3.94 -8.17
C LYS A 21 -4.22 4.29 -6.85
N GLN A 22 -4.42 3.28 -6.01
CA GLN A 22 -5.05 3.48 -4.72
C GLN A 22 -4.09 3.14 -3.57
N SER A 23 -4.48 3.48 -2.36
CA SER A 23 -3.65 3.21 -1.19
C SER A 23 -4.50 2.73 -0.02
N THR A 24 -3.87 2.00 0.90
CA THR A 24 -4.57 1.48 2.08
C THR A 24 -3.60 1.17 3.21
N TRP A 25 -4.13 0.88 4.38
CA TRP A 25 -3.31 0.56 5.54
C TRP A 25 -3.25 -0.94 5.77
N GLU A 26 -4.20 -1.67 5.18
CA GLU A 26 -4.26 -3.11 5.33
C GLU A 26 -3.67 -3.81 4.11
N LYS A 27 -3.01 -4.94 4.34
CA LYS A 27 -2.40 -5.70 3.25
C LYS A 27 -3.43 -6.05 2.18
N PRO A 28 -2.96 -6.26 0.95
CA PRO A 28 -3.82 -6.60 -0.18
C PRO A 28 -4.41 -8.01 -0.07
N ASP A 29 -5.45 -8.13 0.75
CA ASP A 29 -6.10 -9.43 0.95
C ASP A 29 -7.61 -9.32 0.71
N ASP A 30 -8.30 -8.70 1.66
CA ASP A 30 -9.75 -8.53 1.55
C ASP A 30 -10.09 -7.49 0.49
N GLY A 1 0.99 -9.38 -9.16
CA GLY A 1 0.51 -8.29 -8.33
C GLY A 1 1.15 -6.97 -8.69
N SER A 2 0.45 -5.87 -8.37
CA SER A 2 0.95 -4.54 -8.67
C SER A 2 0.86 -3.64 -7.44
N TRP A 3 0.78 -4.26 -6.27
CA TRP A 3 0.69 -3.52 -5.01
C TRP A 3 2.06 -3.34 -4.38
N THR A 4 2.49 -2.09 -4.25
CA THR A 4 3.79 -1.78 -3.66
C THR A 4 3.66 -1.45 -2.18
N GLU A 5 4.59 -1.97 -1.39
CA GLU A 5 4.59 -1.74 0.06
C GLU A 5 5.46 -0.54 0.42
N HIS A 6 4.83 0.54 0.86
CA HIS A 6 5.55 1.75 1.24
C HIS A 6 5.03 2.29 2.57
N LYS A 7 5.95 2.57 3.48
CA LYS A 7 5.59 3.09 4.80
C LYS A 7 5.79 4.61 4.85
N SER A 8 4.86 5.31 5.49
CA SER A 8 4.93 6.76 5.61
C SER A 8 6.17 7.17 6.41
N PRO A 9 6.54 8.46 6.29
CA PRO A 9 7.71 9.01 6.99
C PRO A 9 7.49 9.11 8.49
N ASP A 10 6.28 8.76 8.93
CA ASP A 10 5.94 8.81 10.35
C ASP A 10 5.97 7.42 10.96
N GLY A 11 6.18 6.40 10.13
CA GLY A 11 6.22 5.04 10.60
C GLY A 11 4.89 4.32 10.44
N ARG A 12 4.35 4.34 9.23
CA ARG A 12 3.08 3.70 8.96
C ARG A 12 3.12 2.93 7.64
N THR A 13 3.28 1.62 7.72
CA THR A 13 3.36 0.77 6.54
C THR A 13 2.01 0.74 5.82
N TYR A 14 1.97 1.30 4.61
CA TYR A 14 0.75 1.33 3.82
C TYR A 14 0.98 0.71 2.44
N TYR A 15 -0.08 0.17 1.86
CA TYR A 15 0.00 -0.46 0.55
C TYR A 15 -0.61 0.44 -0.53
N TYR A 16 0.05 0.54 -1.66
CA TYR A 16 -0.43 1.36 -2.77
C TYR A 16 -0.47 0.56 -4.07
N ASN A 17 -1.68 0.40 -4.61
CA ASN A 17 -1.87 -0.34 -5.84
C ASN A 17 -1.51 0.51 -7.05
N THR A 18 -0.59 0.02 -7.87
CA THR A 18 -0.15 0.74 -9.07
C THR A 18 -1.14 0.52 -10.22
N GLU A 19 -2.01 -0.46 -10.07
CA GLU A 19 -3.00 -0.76 -11.10
C GLU A 19 -4.17 0.21 -11.04
N THR A 20 -4.61 0.52 -9.82
CA THR A 20 -5.73 1.43 -9.61
C THR A 20 -5.25 2.77 -9.07
N LYS A 21 -3.96 2.86 -8.75
CA LYS A 21 -3.37 4.08 -8.22
C LYS A 21 -4.03 4.46 -6.90
N GLN A 22 -4.35 3.46 -6.08
CA GLN A 22 -4.97 3.69 -4.79
C GLN A 22 -4.04 3.33 -3.64
N SER A 23 -4.40 3.73 -2.43
CA SER A 23 -3.58 3.45 -1.26
C SER A 23 -4.46 3.04 -0.07
N THR A 24 -3.94 2.14 0.75
CA THR A 24 -4.67 1.67 1.93
C THR A 24 -3.72 1.33 3.07
N TRP A 25 -4.28 1.04 4.23
CA TRP A 25 -3.49 0.70 5.40
C TRP A 25 -3.47 -0.81 5.64
N GLU A 26 -4.43 -1.50 5.04
CA GLU A 26 -4.52 -2.95 5.18
C GLU A 26 -3.98 -3.65 3.94
N LYS A 27 -3.30 -4.78 4.14
CA LYS A 27 -2.73 -5.54 3.05
C LYS A 27 -3.79 -5.84 1.99
N PRO A 28 -3.33 -6.06 0.75
CA PRO A 28 -4.22 -6.37 -0.38
C PRO A 28 -4.85 -7.74 -0.27
N ASP A 29 -4.25 -8.60 0.55
CA ASP A 29 -4.75 -9.95 0.76
C ASP A 29 -6.09 -9.93 1.49
N ASP A 30 -6.19 -9.06 2.49
CA ASP A 30 -7.42 -8.94 3.27
C ASP A 30 -8.28 -7.77 2.77
N GLY A 1 -1.02 -8.53 -9.43
CA GLY A 1 0.02 -8.34 -8.43
C GLY A 1 0.91 -7.16 -8.73
N SER A 2 0.45 -5.97 -8.37
CA SER A 2 1.20 -4.74 -8.61
C SER A 2 1.10 -3.80 -7.42
N TRP A 3 0.95 -4.37 -6.23
CA TRP A 3 0.85 -3.58 -5.01
C TRP A 3 2.22 -3.32 -4.41
N THR A 4 2.58 -2.06 -4.29
CA THR A 4 3.88 -1.67 -3.74
C THR A 4 3.77 -1.39 -2.24
N GLU A 5 4.79 -1.80 -1.49
CA GLU A 5 4.80 -1.59 -0.05
C GLU A 5 5.66 -0.39 0.32
N HIS A 6 5.02 0.67 0.78
CA HIS A 6 5.73 1.89 1.18
C HIS A 6 5.25 2.40 2.53
N LYS A 7 6.18 2.67 3.43
CA LYS A 7 5.85 3.16 4.76
C LYS A 7 6.01 4.68 4.84
N SER A 8 5.08 5.33 5.52
CA SER A 8 5.11 6.79 5.67
C SER A 8 6.36 7.22 6.43
N PRO A 9 6.70 8.51 6.31
CA PRO A 9 7.87 9.09 6.98
C PRO A 9 7.70 9.16 8.50
N ASP A 10 6.52 8.76 8.97
CA ASP A 10 6.24 8.77 10.40
C ASP A 10 6.32 7.37 10.99
N GLY A 11 6.53 6.38 10.13
CA GLY A 11 6.63 5.00 10.58
C GLY A 11 5.32 4.26 10.45
N ARG A 12 4.73 4.28 9.26
CA ARG A 12 3.47 3.62 9.01
C ARG A 12 3.49 2.88 7.67
N THR A 13 3.68 1.57 7.73
CA THR A 13 3.72 0.75 6.52
C THR A 13 2.36 0.69 5.85
N TYR A 14 2.28 1.24 4.64
CA TYR A 14 1.02 1.26 3.89
C TYR A 14 1.23 0.69 2.48
N TYR A 15 0.19 0.07 1.94
CA TYR A 15 0.24 -0.52 0.61
C TYR A 15 -0.40 0.41 -0.41
N TYR A 16 0.11 0.37 -1.64
CA TYR A 16 -0.42 1.20 -2.72
C TYR A 16 -0.48 0.42 -4.03
N ASN A 17 -1.69 0.28 -4.57
CA ASN A 17 -1.89 -0.44 -5.82
C ASN A 17 -1.59 0.46 -7.02
N THR A 18 -0.69 0.00 -7.88
CA THR A 18 -0.32 0.75 -9.07
C THR A 18 -1.32 0.55 -10.19
N GLU A 19 -2.19 -0.45 -10.03
CA GLU A 19 -3.20 -0.75 -11.03
C GLU A 19 -4.42 0.16 -10.86
N THR A 20 -4.80 0.39 -9.61
CA THR A 20 -5.94 1.24 -9.30
C THR A 20 -5.50 2.58 -8.75
N LYS A 21 -4.20 2.74 -8.54
CA LYS A 21 -3.64 3.98 -8.01
C LYS A 21 -4.26 4.32 -6.66
N GLN A 22 -4.50 3.29 -5.85
CA GLN A 22 -5.08 3.48 -4.53
C GLN A 22 -4.09 3.11 -3.44
N SER A 23 -4.42 3.46 -2.20
CA SER A 23 -3.55 3.16 -1.06
C SER A 23 -4.37 2.72 0.15
N THR A 24 -3.79 1.84 0.95
CA THR A 24 -4.46 1.33 2.14
C THR A 24 -3.46 1.01 3.25
N TRP A 25 -3.97 0.69 4.43
CA TRP A 25 -3.12 0.37 5.57
C TRP A 25 -3.05 -1.14 5.79
N GLU A 26 -4.00 -1.86 5.22
CA GLU A 26 -4.04 -3.31 5.35
C GLU A 26 -3.55 -3.99 4.08
N LYS A 27 -2.79 -5.07 4.25
CA LYS A 27 -2.25 -5.81 3.12
C LYS A 27 -3.36 -6.19 2.13
N PRO A 28 -2.98 -6.39 0.86
CA PRO A 28 -3.92 -6.76 -0.20
C PRO A 28 -4.45 -8.18 -0.03
N ASP A 29 -5.40 -8.35 0.88
CA ASP A 29 -6.00 -9.66 1.12
C ASP A 29 -7.10 -9.95 0.11
N ASP A 30 -8.07 -9.05 0.01
CA ASP A 30 -9.17 -9.22 -0.92
C ASP A 30 -8.89 -8.53 -2.24
N GLY A 1 -1.15 -7.93 -7.38
CA GLY A 1 -0.28 -8.25 -8.50
C GLY A 1 0.77 -7.19 -8.74
N SER A 2 0.46 -5.95 -8.37
CA SER A 2 1.39 -4.84 -8.55
C SER A 2 1.29 -3.87 -7.38
N TRP A 3 1.00 -4.40 -6.19
CA TRP A 3 0.89 -3.57 -4.99
C TRP A 3 2.25 -3.38 -4.33
N THR A 4 2.67 -2.13 -4.23
CA THR A 4 3.96 -1.80 -3.62
C THR A 4 3.80 -1.49 -2.13
N GLU A 5 4.76 -1.96 -1.33
CA GLU A 5 4.72 -1.73 0.11
C GLU A 5 5.58 -0.53 0.49
N HIS A 6 4.93 0.56 0.90
CA HIS A 6 5.63 1.77 1.29
C HIS A 6 5.12 2.30 2.63
N LYS A 7 6.03 2.54 3.55
CA LYS A 7 5.67 3.04 4.87
C LYS A 7 5.86 4.55 4.96
N SER A 8 4.93 5.23 5.61
CA SER A 8 4.99 6.68 5.76
C SER A 8 6.23 7.09 6.55
N PRO A 9 6.58 8.37 6.45
CA PRO A 9 7.76 8.93 7.15
C PRO A 9 7.54 9.00 8.66
N ASP A 10 6.35 8.63 9.11
CA ASP A 10 6.02 8.64 10.53
C ASP A 10 6.05 7.24 11.11
N GLY A 11 6.26 6.25 10.25
CA GLY A 11 6.31 4.87 10.69
C GLY A 11 4.98 4.16 10.53
N ARG A 12 4.43 4.22 9.32
CA ARG A 12 3.15 3.57 9.03
C ARG A 12 3.21 2.83 7.70
N THR A 13 3.38 1.51 7.78
CA THR A 13 3.45 0.67 6.58
C THR A 13 2.11 0.64 5.86
N TYR A 14 2.07 1.21 4.66
CA TYR A 14 0.84 1.24 3.87
C TYR A 14 1.08 0.66 2.48
N TYR A 15 0.04 0.07 1.91
CA TYR A 15 0.14 -0.52 0.57
C TYR A 15 -0.45 0.40 -0.48
N TYR A 16 0.17 0.44 -1.64
CA TYR A 16 -0.29 1.29 -2.74
C TYR A 16 -0.30 0.51 -4.06
N ASN A 17 -1.48 0.40 -4.66
CA ASN A 17 -1.63 -0.30 -5.92
C ASN A 17 -1.20 0.57 -7.10
N THR A 18 -0.27 0.07 -7.90
CA THR A 18 0.22 0.81 -9.06
C THR A 18 -0.71 0.65 -10.25
N GLU A 19 -1.64 -0.31 -10.15
CA GLU A 19 -2.59 -0.56 -11.23
C GLU A 19 -3.79 0.37 -11.13
N THR A 20 -4.24 0.62 -9.90
CA THR A 20 -5.38 1.48 -9.66
C THR A 20 -4.95 2.84 -9.09
N LYS A 21 -3.67 2.93 -8.73
CA LYS A 21 -3.12 4.16 -8.17
C LYS A 21 -3.80 4.50 -6.84
N GLN A 22 -4.14 3.48 -6.07
CA GLN A 22 -4.79 3.67 -4.78
C GLN A 22 -3.88 3.27 -3.64
N SER A 23 -4.27 3.60 -2.42
CA SER A 23 -3.49 3.27 -1.24
C SER A 23 -4.38 2.81 -0.09
N THR A 24 -3.81 2.00 0.81
CA THR A 24 -4.57 1.48 1.94
C THR A 24 -3.64 1.13 3.10
N TRP A 25 -4.21 0.86 4.26
CA TRP A 25 -3.43 0.52 5.45
C TRP A 25 -3.45 -1.00 5.68
N GLU A 26 -4.39 -1.68 5.03
CA GLU A 26 -4.51 -3.12 5.17
C GLU A 26 -3.88 -3.84 3.99
N LYS A 27 -3.33 -5.03 4.23
CA LYS A 27 -2.70 -5.81 3.18
C LYS A 27 -3.66 -6.07 2.04
N PRO A 28 -3.11 -6.29 0.83
CA PRO A 28 -3.91 -6.56 -0.37
C PRO A 28 -4.61 -7.92 -0.32
N ASP A 29 -4.14 -8.78 0.59
CA ASP A 29 -4.72 -10.11 0.74
C ASP A 29 -5.61 -10.18 1.97
N ASP A 30 -6.34 -9.10 2.23
CA ASP A 30 -7.23 -9.04 3.39
C ASP A 30 -8.55 -9.75 3.10
N GLY A 1 1.19 -9.15 -7.94
CA GLY A 1 0.25 -8.29 -8.61
C GLY A 1 0.87 -6.96 -9.00
N SER A 2 0.43 -5.89 -8.34
CA SER A 2 0.94 -4.55 -8.63
C SER A 2 0.87 -3.66 -7.39
N TRP A 3 0.86 -4.30 -6.22
CA TRP A 3 0.79 -3.56 -4.96
C TRP A 3 2.19 -3.35 -4.38
N THR A 4 2.59 -2.10 -4.25
CA THR A 4 3.90 -1.76 -3.71
C THR A 4 3.82 -1.42 -2.22
N GLU A 5 4.76 -1.95 -1.45
CA GLU A 5 4.79 -1.70 -0.01
C GLU A 5 5.61 -0.45 0.32
N HIS A 6 4.92 0.61 0.72
CA HIS A 6 5.58 1.86 1.06
C HIS A 6 5.11 2.37 2.42
N LYS A 7 6.06 2.66 3.30
CA LYS A 7 5.74 3.15 4.63
C LYS A 7 5.88 4.67 4.70
N SER A 8 4.94 5.32 5.38
CA SER A 8 4.96 6.77 5.51
C SER A 8 6.20 7.23 6.26
N PRO A 9 6.51 8.53 6.14
CA PRO A 9 7.68 9.13 6.80
C PRO A 9 7.51 9.21 8.32
N ASP A 10 6.35 8.79 8.80
CA ASP A 10 6.06 8.81 10.23
C ASP A 10 6.16 7.40 10.82
N GLY A 11 6.38 6.42 9.96
CA GLY A 11 6.49 5.05 10.42
C GLY A 11 5.18 4.30 10.30
N ARG A 12 4.59 4.31 9.11
CA ARG A 12 3.33 3.63 8.86
C ARG A 12 3.38 2.86 7.54
N THR A 13 3.62 1.56 7.63
CA THR A 13 3.69 0.72 6.44
C THR A 13 2.33 0.60 5.76
N TYR A 14 2.19 1.22 4.60
CA TYR A 14 0.95 1.18 3.86
C TYR A 14 1.15 0.59 2.47
N TYR A 15 0.10 -0.04 1.94
CA TYR A 15 0.17 -0.66 0.62
C TYR A 15 -0.49 0.23 -0.43
N TYR A 16 0.19 0.42 -1.55
CA TYR A 16 -0.33 1.25 -2.63
C TYR A 16 -0.40 0.46 -3.94
N ASN A 17 -1.61 0.29 -4.46
CA ASN A 17 -1.80 -0.45 -5.70
C ASN A 17 -1.47 0.43 -6.91
N THR A 18 -0.55 -0.04 -7.74
CA THR A 18 -0.13 0.70 -8.92
C THR A 18 -1.12 0.49 -10.08
N GLU A 19 -1.99 -0.50 -9.92
CA GLU A 19 -2.98 -0.81 -10.94
C GLU A 19 -4.20 0.11 -10.82
N THR A 20 -4.61 0.37 -9.58
CA THR A 20 -5.76 1.23 -9.32
C THR A 20 -5.33 2.58 -8.78
N LYS A 21 -4.03 2.72 -8.51
CA LYS A 21 -3.48 3.96 -7.98
C LYS A 21 -4.12 4.31 -6.64
N GLN A 22 -4.38 3.29 -5.83
CA GLN A 22 -4.99 3.49 -4.52
C GLN A 22 -4.01 3.12 -3.41
N SER A 23 -4.38 3.44 -2.17
CA SER A 23 -3.54 3.14 -1.02
C SER A 23 -4.38 2.67 0.16
N THR A 24 -3.78 1.82 1.00
CA THR A 24 -4.48 1.29 2.17
C THR A 24 -3.50 0.97 3.29
N TRP A 25 -4.04 0.66 4.47
CA TRP A 25 -3.21 0.34 5.62
C TRP A 25 -3.15 -1.18 5.83
N GLU A 26 -4.11 -1.89 5.25
CA GLU A 26 -4.17 -3.34 5.38
C GLU A 26 -3.51 -4.02 4.18
N LYS A 27 -2.99 -5.22 4.39
CA LYS A 27 -2.34 -5.97 3.34
C LYS A 27 -3.33 -6.33 2.22
N PRO A 28 -2.80 -6.54 1.02
CA PRO A 28 -3.61 -6.89 -0.15
C PRO A 28 -4.21 -8.30 -0.04
N ASP A 29 -5.33 -8.41 0.66
CA ASP A 29 -6.00 -9.69 0.83
C ASP A 29 -6.88 -10.01 -0.37
N ASP A 30 -7.45 -8.98 -0.98
CA ASP A 30 -8.31 -9.16 -2.15
C ASP A 30 -7.48 -9.42 -3.40
N GLY A 1 0.72 -9.26 -7.77
CA GLY A 1 0.07 -8.35 -8.70
C GLY A 1 0.90 -7.12 -8.99
N SER A 2 0.41 -5.96 -8.56
CA SER A 2 1.11 -4.70 -8.78
C SER A 2 1.01 -3.80 -7.55
N TRP A 3 0.83 -4.42 -6.39
CA TRP A 3 0.72 -3.68 -5.14
C TRP A 3 2.09 -3.50 -4.48
N THR A 4 2.52 -2.26 -4.34
CA THR A 4 3.81 -1.96 -3.73
C THR A 4 3.65 -1.64 -2.24
N GLU A 5 4.60 -2.13 -1.44
CA GLU A 5 4.56 -1.89 0.00
C GLU A 5 5.43 -0.70 0.37
N HIS A 6 4.78 0.40 0.76
CA HIS A 6 5.50 1.62 1.15
C HIS A 6 4.99 2.14 2.49
N LYS A 7 5.91 2.38 3.41
CA LYS A 7 5.56 2.88 4.73
C LYS A 7 5.77 4.39 4.82
N SER A 8 4.84 5.08 5.47
CA SER A 8 4.93 6.53 5.61
C SER A 8 6.16 6.92 6.41
N PRO A 9 6.54 8.21 6.32
CA PRO A 9 7.71 8.74 7.03
C PRO A 9 7.49 8.82 8.54
N ASP A 10 6.28 8.46 8.97
CA ASP A 10 5.95 8.48 10.39
C ASP A 10 5.94 7.08 10.98
N GLY A 11 6.16 6.08 10.11
CA GLY A 11 6.18 4.70 10.57
C GLY A 11 4.84 4.02 10.38
N ARG A 12 4.30 4.08 9.17
CA ARG A 12 3.01 3.46 8.87
C ARG A 12 3.07 2.70 7.55
N THR A 13 3.24 1.39 7.63
CA THR A 13 3.31 0.55 6.44
C THR A 13 1.97 0.51 5.71
N TYR A 14 1.93 1.12 4.53
CA TYR A 14 0.70 1.16 3.73
C TYR A 14 0.94 0.57 2.34
N TYR A 15 -0.11 -0.01 1.77
CA TYR A 15 -0.03 -0.61 0.45
C TYR A 15 -0.60 0.31 -0.61
N TYR A 16 0.05 0.36 -1.77
CA TYR A 16 -0.40 1.20 -2.87
C TYR A 16 -0.43 0.42 -4.18
N ASN A 17 -1.61 0.34 -4.78
CA ASN A 17 -1.78 -0.38 -6.04
C ASN A 17 -1.37 0.49 -7.22
N THR A 18 -0.44 0.00 -8.03
CA THR A 18 0.04 0.73 -9.20
C THR A 18 -0.93 0.58 -10.37
N GLU A 19 -1.86 -0.35 -10.24
CA GLU A 19 -2.85 -0.59 -11.29
C GLU A 19 -4.04 0.35 -11.17
N THR A 20 -4.45 0.59 -9.92
CA THR A 20 -5.59 1.47 -9.66
C THR A 20 -5.12 2.80 -9.07
N LYS A 21 -3.81 2.91 -8.84
CA LYS A 21 -3.24 4.13 -8.28
C LYS A 21 -3.91 4.48 -6.95
N GLN A 22 -4.25 3.46 -6.18
CA GLN A 22 -4.90 3.66 -4.88
C GLN A 22 -3.97 3.25 -3.73
N SER A 23 -4.35 3.61 -2.52
CA SER A 23 -3.56 3.28 -1.34
C SER A 23 -4.46 2.84 -0.19
N THR A 24 -3.91 2.00 0.70
CA THR A 24 -4.66 1.50 1.84
C THR A 24 -3.73 1.14 2.99
N TRP A 25 -4.31 0.85 4.15
CA TRP A 25 -3.53 0.48 5.32
C TRP A 25 -3.53 -1.03 5.53
N GLU A 26 -4.51 -1.70 4.92
CA GLU A 26 -4.61 -3.15 5.04
C GLU A 26 -3.91 -3.86 3.87
N LYS A 27 -3.56 -5.11 4.08
CA LYS A 27 -2.89 -5.90 3.04
C LYS A 27 -3.83 -6.20 1.88
N PRO A 28 -3.26 -6.42 0.69
CA PRO A 28 -4.03 -6.73 -0.51
C PRO A 28 -4.67 -8.11 -0.46
N ASP A 29 -4.15 -8.96 0.42
CA ASP A 29 -4.67 -10.31 0.58
C ASP A 29 -5.97 -10.31 1.37
N ASP A 30 -6.11 -9.32 2.25
CA ASP A 30 -7.32 -9.20 3.08
C ASP A 30 -8.40 -8.40 2.35
N GLY A 1 -1.58 -7.76 -8.51
CA GLY A 1 -0.22 -8.26 -8.51
C GLY A 1 0.80 -7.16 -8.71
N SER A 2 0.43 -5.93 -8.36
CA SER A 2 1.31 -4.79 -8.51
C SER A 2 1.22 -3.86 -7.31
N TRP A 3 0.96 -4.44 -6.14
CA TRP A 3 0.85 -3.67 -4.91
C TRP A 3 2.21 -3.46 -4.26
N THR A 4 2.62 -2.20 -4.13
CA THR A 4 3.91 -1.88 -3.54
C THR A 4 3.75 -1.56 -2.05
N GLU A 5 4.72 -2.02 -1.26
CA GLU A 5 4.69 -1.78 0.19
C GLU A 5 5.58 -0.60 0.56
N HIS A 6 4.95 0.49 0.99
CA HIS A 6 5.69 1.69 1.37
C HIS A 6 5.17 2.24 2.71
N LYS A 7 6.10 2.49 3.63
CA LYS A 7 5.73 3.01 4.94
C LYS A 7 5.97 4.52 5.01
N SER A 8 5.04 5.23 5.64
CA SER A 8 5.14 6.68 5.77
C SER A 8 6.38 7.06 6.58
N PRO A 9 6.78 8.34 6.48
CA PRO A 9 7.95 8.87 7.19
C PRO A 9 7.71 8.96 8.69
N ASP A 10 6.49 8.62 9.12
CA ASP A 10 6.15 8.66 10.53
C ASP A 10 6.13 7.26 11.14
N GLY A 11 6.34 6.27 10.29
CA GLY A 11 6.34 4.88 10.75
C GLY A 11 4.99 4.21 10.58
N ARG A 12 4.47 4.26 9.36
CA ARG A 12 3.18 3.64 9.07
C ARG A 12 3.23 2.88 7.74
N THR A 13 3.36 1.56 7.83
CA THR A 13 3.43 0.72 6.64
C THR A 13 2.09 0.70 5.91
N TYR A 14 2.07 1.29 4.71
CA TYR A 14 0.86 1.33 3.91
C TYR A 14 1.09 0.73 2.53
N TYR A 15 0.04 0.14 1.97
CA TYR A 15 0.12 -0.49 0.66
C TYR A 15 -0.48 0.40 -0.42
N TYR A 16 0.16 0.43 -1.59
CA TYR A 16 -0.31 1.26 -2.69
C TYR A 16 -0.34 0.45 -3.99
N ASN A 17 -1.51 0.34 -4.59
CA ASN A 17 -1.68 -0.40 -5.83
C ASN A 17 -1.28 0.46 -7.03
N THR A 18 -0.33 -0.03 -7.82
CA THR A 18 0.14 0.70 -8.99
C THR A 18 -0.80 0.49 -10.18
N GLU A 19 -1.74 -0.45 -10.03
CA GLU A 19 -2.70 -0.75 -11.09
C GLU A 19 -3.89 0.20 -11.01
N THR A 20 -4.33 0.50 -9.79
CA THR A 20 -5.47 1.39 -9.57
C THR A 20 -5.01 2.73 -9.01
N LYS A 21 -3.73 2.84 -8.72
CA LYS A 21 -3.17 4.07 -8.18
C LYS A 21 -3.81 4.42 -6.84
N GLN A 22 -4.29 3.40 -6.14
CA GLN A 22 -4.93 3.60 -4.84
C GLN A 22 -3.99 3.20 -3.71
N SER A 23 -4.36 3.57 -2.48
CA SER A 23 -3.55 3.25 -1.31
C SER A 23 -4.43 2.84 -0.13
N THR A 24 -3.87 2.04 0.77
CA THR A 24 -4.60 1.57 1.93
C THR A 24 -3.66 1.26 3.09
N TRP A 25 -4.22 1.05 4.27
CA TRP A 25 -3.42 0.73 5.45
C TRP A 25 -3.41 -0.77 5.72
N GLU A 26 -4.36 -1.48 5.13
CA GLU A 26 -4.46 -2.93 5.30
C GLU A 26 -3.96 -3.66 4.07
N LYS A 27 -3.49 -4.89 4.26
CA LYS A 27 -2.98 -5.70 3.16
C LYS A 27 -3.98 -5.75 2.01
N PRO A 28 -3.49 -6.05 0.81
CA PRO A 28 -4.33 -6.15 -0.39
C PRO A 28 -5.25 -7.36 -0.36
N ASP A 29 -4.99 -8.27 0.57
CA ASP A 29 -5.81 -9.48 0.72
C ASP A 29 -6.78 -9.34 1.88
N ASP A 30 -7.32 -8.13 2.07
CA ASP A 30 -8.25 -7.87 3.15
C ASP A 30 -9.66 -8.30 2.76
N GLY A 1 -0.05 -9.36 -7.86
CA GLY A 1 -0.59 -8.06 -8.21
C GLY A 1 0.49 -7.02 -8.45
N SER A 2 0.20 -5.77 -8.13
CA SER A 2 1.15 -4.68 -8.33
C SER A 2 1.14 -3.73 -7.13
N TRP A 3 0.86 -4.27 -5.95
CA TRP A 3 0.81 -3.46 -4.74
C TRP A 3 2.21 -3.29 -4.14
N THR A 4 2.63 -2.04 -4.00
CA THR A 4 3.95 -1.74 -3.45
C THR A 4 3.86 -1.45 -1.95
N GLU A 5 4.83 -1.95 -1.20
CA GLU A 5 4.86 -1.75 0.25
C GLU A 5 5.71 -0.52 0.59
N HIS A 6 5.03 0.57 0.95
CA HIS A 6 5.71 1.81 1.30
C HIS A 6 5.22 2.33 2.65
N LYS A 7 6.15 2.60 3.55
CA LYS A 7 5.81 3.11 4.88
C LYS A 7 6.00 4.62 4.95
N SER A 8 5.06 5.31 5.60
CA SER A 8 5.13 6.76 5.74
C SER A 8 6.37 7.17 6.52
N PRO A 9 6.72 8.46 6.42
CA PRO A 9 7.89 9.02 7.11
C PRO A 9 7.68 9.10 8.62
N ASP A 10 6.49 8.72 9.07
CA ASP A 10 6.17 8.75 10.49
C ASP A 10 6.21 7.35 11.08
N GLY A 11 6.42 6.35 10.23
CA GLY A 11 6.47 4.98 10.69
C GLY A 11 5.14 4.26 10.53
N ARG A 12 4.59 4.29 9.33
CA ARG A 12 3.31 3.65 9.05
C ARG A 12 3.36 2.89 7.72
N THR A 13 3.55 1.59 7.80
CA THR A 13 3.61 0.74 6.61
C THR A 13 2.26 0.69 5.90
N TYR A 14 2.21 1.27 4.71
CA TYR A 14 0.97 1.29 3.93
C TYR A 14 1.20 0.70 2.54
N TYR A 15 0.14 0.13 1.98
CA TYR A 15 0.22 -0.49 0.65
C TYR A 15 -0.41 0.42 -0.40
N TYR A 16 0.32 0.64 -1.49
CA TYR A 16 -0.16 1.49 -2.58
C TYR A 16 -0.23 0.71 -3.89
N ASN A 17 -1.43 0.59 -4.43
CA ASN A 17 -1.62 -0.13 -5.69
C ASN A 17 -1.19 0.72 -6.88
N THR A 18 -0.27 0.20 -7.68
CA THR A 18 0.23 0.90 -8.85
C THR A 18 -0.70 0.74 -10.03
N GLU A 19 -1.68 -0.15 -9.89
CA GLU A 19 -2.64 -0.40 -10.95
C GLU A 19 -3.85 0.52 -10.82
N THR A 20 -4.28 0.76 -9.59
CA THR A 20 -5.42 1.62 -9.33
C THR A 20 -4.98 2.98 -8.79
N LYS A 21 -3.69 3.08 -8.46
CA LYS A 21 -3.14 4.33 -7.93
C LYS A 21 -3.77 4.68 -6.59
N GLN A 22 -4.11 3.66 -5.81
CA GLN A 22 -4.72 3.88 -4.51
C GLN A 22 -3.78 3.48 -3.39
N SER A 23 -4.14 3.83 -2.15
CA SER A 23 -3.32 3.50 -0.99
C SER A 23 -4.19 3.06 0.18
N THR A 24 -3.68 2.11 0.96
CA THR A 24 -4.40 1.60 2.12
C THR A 24 -3.45 1.23 3.25
N TRP A 25 -4.02 0.92 4.41
CA TRP A 25 -3.21 0.56 5.57
C TRP A 25 -3.18 -0.96 5.76
N GLU A 26 -4.16 -1.64 5.16
CA GLU A 26 -4.24 -3.09 5.27
C GLU A 26 -3.54 -3.76 4.09
N LYS A 27 -3.20 -5.04 4.25
CA LYS A 27 -2.53 -5.79 3.21
C LYS A 27 -3.54 -6.41 2.24
N PRO A 28 -3.09 -6.66 1.00
CA PRO A 28 -3.94 -7.26 -0.04
C PRO A 28 -4.28 -8.72 0.25
N ASP A 29 -5.24 -8.93 1.15
CA ASP A 29 -5.66 -10.28 1.51
C ASP A 29 -7.13 -10.50 1.19
N ASP A 30 -7.52 -10.14 -0.02
CA ASP A 30 -8.91 -10.30 -0.45
C ASP A 30 -9.04 -11.37 -1.54
N GLY A 1 1.03 -8.97 -7.53
CA GLY A 1 0.28 -8.22 -8.53
C GLY A 1 0.95 -6.92 -8.90
N SER A 2 0.42 -5.82 -8.38
CA SER A 2 0.98 -4.50 -8.67
C SER A 2 0.90 -3.59 -7.45
N TRP A 3 0.84 -4.21 -6.27
CA TRP A 3 0.76 -3.45 -5.02
C TRP A 3 2.13 -3.31 -4.38
N THR A 4 2.61 -2.08 -4.26
CA THR A 4 3.91 -1.81 -3.67
C THR A 4 3.79 -1.51 -2.18
N GLU A 5 4.71 -2.04 -1.39
CA GLU A 5 4.70 -1.82 0.05
C GLU A 5 5.57 -0.62 0.43
N HIS A 6 4.92 0.47 0.82
CA HIS A 6 5.64 1.68 1.20
C HIS A 6 5.13 2.21 2.54
N LYS A 7 6.05 2.44 3.47
CA LYS A 7 5.70 2.95 4.80
C LYS A 7 5.91 4.45 4.87
N SER A 8 4.98 5.14 5.53
CA SER A 8 5.06 6.59 5.67
C SER A 8 6.30 6.99 6.47
N PRO A 9 6.68 8.27 6.38
CA PRO A 9 7.85 8.81 7.08
C PRO A 9 7.62 8.88 8.60
N ASP A 10 6.42 8.52 9.02
CA ASP A 10 6.08 8.55 10.45
C ASP A 10 6.09 7.14 11.03
N GLY A 11 6.30 6.14 10.17
CA GLY A 11 6.32 4.77 10.63
C GLY A 11 4.99 4.07 10.45
N ARG A 12 4.46 4.13 9.24
CA ARG A 12 3.17 3.50 8.95
C ARG A 12 3.22 2.75 7.62
N THR A 13 3.39 1.43 7.69
CA THR A 13 3.46 0.60 6.49
C THR A 13 2.12 0.57 5.76
N TYR A 14 2.07 1.17 4.58
CA TYR A 14 0.85 1.22 3.79
C TYR A 14 1.09 0.63 2.39
N TYR A 15 0.02 0.10 1.81
CA TYR A 15 0.11 -0.50 0.48
C TYR A 15 -0.47 0.44 -0.57
N TYR A 16 0.19 0.51 -1.72
CA TYR A 16 -0.25 1.37 -2.81
C TYR A 16 -0.29 0.60 -4.13
N ASN A 17 -1.48 0.49 -4.71
CA ASN A 17 -1.65 -0.22 -5.97
C ASN A 17 -1.23 0.65 -7.14
N THR A 18 -0.30 0.15 -7.95
CA THR A 18 0.19 0.89 -9.11
C THR A 18 -0.77 0.75 -10.29
N GLU A 19 -1.70 -0.19 -10.18
CA GLU A 19 -2.68 -0.42 -11.25
C GLU A 19 -3.87 0.53 -11.11
N THR A 20 -4.30 0.76 -9.87
CA THR A 20 -5.42 1.65 -9.61
C THR A 20 -4.95 2.97 -9.02
N LYS A 21 -3.65 3.08 -8.79
CA LYS A 21 -3.07 4.29 -8.22
C LYS A 21 -3.74 4.64 -6.89
N GLN A 22 -4.09 3.62 -6.12
CA GLN A 22 -4.73 3.83 -4.83
C GLN A 22 -3.82 3.40 -3.70
N SER A 23 -4.21 3.75 -2.47
CA SER A 23 -3.43 3.40 -1.29
C SER A 23 -4.32 2.95 -0.14
N THR A 24 -3.79 2.10 0.73
CA THR A 24 -4.55 1.61 1.88
C THR A 24 -3.62 1.24 3.02
N TRP A 25 -4.20 0.97 4.18
CA TRP A 25 -3.43 0.59 5.36
C TRP A 25 -3.45 -0.92 5.57
N GLU A 26 -4.41 -1.59 4.93
CA GLU A 26 -4.53 -3.04 5.06
C GLU A 26 -3.86 -3.75 3.88
N LYS A 27 -3.44 -4.98 4.11
CA LYS A 27 -2.78 -5.77 3.07
C LYS A 27 -3.75 -6.11 1.95
N PRO A 28 -3.21 -6.36 0.75
CA PRO A 28 -4.01 -6.70 -0.43
C PRO A 28 -4.63 -8.08 -0.32
N ASP A 29 -4.13 -8.89 0.60
CA ASP A 29 -4.64 -10.23 0.81
C ASP A 29 -6.09 -10.20 1.30
N ASP A 30 -6.46 -9.11 1.96
CA ASP A 30 -7.80 -8.95 2.49
C ASP A 30 -8.55 -7.85 1.73
N GLY A 1 0.06 -9.69 -8.69
CA GLY A 1 -0.46 -8.35 -8.44
C GLY A 1 0.54 -7.26 -8.73
N SER A 2 0.18 -6.03 -8.42
CA SER A 2 1.06 -4.88 -8.66
C SER A 2 0.99 -3.90 -7.49
N TRP A 3 0.77 -4.42 -6.29
CA TRP A 3 0.68 -3.59 -5.09
C TRP A 3 2.06 -3.39 -4.47
N THR A 4 2.47 -2.14 -4.34
CA THR A 4 3.77 -1.81 -3.76
C THR A 4 3.65 -1.54 -2.27
N GLU A 5 4.65 -1.98 -1.51
CA GLU A 5 4.65 -1.78 -0.06
C GLU A 5 5.53 -0.59 0.32
N HIS A 6 4.89 0.48 0.76
CA HIS A 6 5.61 1.69 1.16
C HIS A 6 5.11 2.20 2.52
N LYS A 7 6.04 2.41 3.44
CA LYS A 7 5.69 2.91 4.76
C LYS A 7 5.91 4.41 4.86
N SER A 8 4.97 5.09 5.52
CA SER A 8 5.05 6.53 5.69
C SER A 8 6.29 6.92 6.49
N PRO A 9 6.66 8.21 6.42
CA PRO A 9 7.82 8.74 7.13
C PRO A 9 7.61 8.80 8.64
N ASP A 10 6.41 8.43 9.07
CA ASP A 10 6.06 8.44 10.49
C ASP A 10 6.09 7.03 11.06
N GLY A 11 6.30 6.04 10.19
CA GLY A 11 6.35 4.66 10.63
C GLY A 11 5.02 3.95 10.46
N ARG A 12 4.48 4.01 9.25
CA ARG A 12 3.20 3.37 8.95
C ARG A 12 3.25 2.64 7.61
N THR A 13 3.43 1.33 7.66
CA THR A 13 3.48 0.52 6.45
C THR A 13 2.14 0.49 5.73
N TYR A 14 2.08 1.13 4.57
CA TYR A 14 0.85 1.18 3.78
C TYR A 14 1.07 0.62 2.39
N TYR A 15 0.01 0.07 1.81
CA TYR A 15 0.08 -0.52 0.47
C TYR A 15 -0.51 0.43 -0.57
N TYR A 16 0.05 0.41 -1.77
CA TYR A 16 -0.42 1.26 -2.85
C TYR A 16 -0.49 0.50 -4.17
N ASN A 17 -1.69 0.38 -4.73
CA ASN A 17 -1.88 -0.33 -5.98
C ASN A 17 -1.48 0.54 -7.16
N THR A 18 -0.57 0.03 -8.00
CA THR A 18 -0.11 0.75 -9.17
C THR A 18 -1.08 0.61 -10.34
N GLU A 19 -1.98 -0.36 -10.23
CA GLU A 19 -2.97 -0.60 -11.27
C GLU A 19 -4.13 0.37 -11.15
N THR A 20 -4.58 0.62 -9.92
CA THR A 20 -5.68 1.53 -9.67
C THR A 20 -5.19 2.86 -9.10
N LYS A 21 -3.90 2.92 -8.81
CA LYS A 21 -3.30 4.13 -8.27
C LYS A 21 -3.94 4.52 -6.93
N GLN A 22 -4.27 3.51 -6.13
CA GLN A 22 -4.90 3.74 -4.83
C GLN A 22 -3.96 3.32 -3.70
N SER A 23 -4.34 3.67 -2.47
CA SER A 23 -3.54 3.34 -1.31
C SER A 23 -4.42 2.88 -0.15
N THR A 24 -3.86 2.02 0.71
CA THR A 24 -4.60 1.51 1.85
C THR A 24 -3.67 1.14 2.99
N TRP A 25 -4.24 0.86 4.16
CA TRP A 25 -3.45 0.50 5.33
C TRP A 25 -3.45 -1.01 5.54
N GLU A 26 -4.40 -1.69 4.91
CA GLU A 26 -4.51 -3.14 5.04
C GLU A 26 -3.84 -3.83 3.86
N LYS A 27 -3.37 -5.05 4.09
CA LYS A 27 -2.71 -5.84 3.06
C LYS A 27 -3.67 -6.18 1.93
N PRO A 28 -3.13 -6.40 0.73
CA PRO A 28 -3.93 -6.75 -0.45
C PRO A 28 -4.53 -8.15 -0.36
N ASP A 29 -3.99 -8.95 0.55
CA ASP A 29 -4.46 -10.32 0.73
C ASP A 29 -5.89 -10.32 1.27
N ASP A 30 -6.24 -9.28 2.02
CA ASP A 30 -7.58 -9.17 2.59
C ASP A 30 -8.59 -8.75 1.53
N GLY A 1 0.63 -9.47 -8.38
CA GLY A 1 -0.09 -8.21 -8.43
C GLY A 1 0.83 -7.03 -8.69
N SER A 2 0.37 -5.84 -8.35
CA SER A 2 1.16 -4.62 -8.56
C SER A 2 1.13 -3.73 -7.32
N TRP A 3 0.93 -4.35 -6.16
CA TRP A 3 0.88 -3.61 -4.90
C TRP A 3 2.28 -3.41 -4.33
N THR A 4 2.68 -2.16 -4.15
CA THR A 4 3.99 -1.84 -3.61
C THR A 4 3.92 -1.54 -2.11
N GLU A 5 4.87 -2.08 -1.36
CA GLU A 5 4.90 -1.88 0.08
C GLU A 5 5.72 -0.64 0.43
N HIS A 6 5.03 0.43 0.81
CA HIS A 6 5.70 1.68 1.17
C HIS A 6 5.20 2.19 2.52
N LYS A 7 6.14 2.47 3.42
CA LYS A 7 5.79 2.96 4.75
C LYS A 7 5.95 4.48 4.82
N SER A 8 5.00 5.13 5.49
CA SER A 8 5.03 6.59 5.63
C SER A 8 6.27 7.03 6.40
N PRO A 9 6.60 8.33 6.30
CA PRO A 9 7.75 8.92 6.98
C PRO A 9 7.57 8.98 8.49
N ASP A 10 6.39 8.58 8.96
CA ASP A 10 6.08 8.59 10.38
C ASP A 10 6.17 7.19 10.97
N GLY A 11 6.40 6.21 10.11
CA GLY A 11 6.50 4.83 10.57
C GLY A 11 5.20 4.07 10.43
N ARG A 12 4.62 4.10 9.23
CA ARG A 12 3.37 3.40 8.98
C ARG A 12 3.41 2.66 7.64
N THR A 13 3.62 1.35 7.70
CA THR A 13 3.68 0.54 6.50
C THR A 13 2.33 0.45 5.80
N TYR A 14 2.25 1.04 4.62
CA TYR A 14 0.99 1.03 3.86
C TYR A 14 1.21 0.46 2.45
N TYR A 15 0.17 -0.16 1.91
CA TYR A 15 0.25 -0.77 0.59
C TYR A 15 -0.41 0.13 -0.45
N TYR A 16 0.33 0.45 -1.50
CA TYR A 16 -0.17 1.31 -2.57
C TYR A 16 -0.23 0.55 -3.89
N ASN A 17 -1.44 0.41 -4.44
CA ASN A 17 -1.63 -0.29 -5.70
C ASN A 17 -1.23 0.58 -6.88
N THR A 18 -0.32 0.08 -7.70
CA THR A 18 0.15 0.82 -8.87
C THR A 18 -0.82 0.67 -10.04
N GLU A 19 -1.75 -0.26 -9.92
CA GLU A 19 -2.74 -0.50 -10.97
C GLU A 19 -3.94 0.43 -10.81
N THR A 20 -4.36 0.65 -9.57
CA THR A 20 -5.50 1.51 -9.28
C THR A 20 -5.04 2.85 -8.72
N LYS A 21 -3.75 2.95 -8.41
CA LYS A 21 -3.19 4.18 -7.87
C LYS A 21 -3.82 4.52 -6.52
N GLN A 22 -4.15 3.49 -5.75
CA GLN A 22 -4.76 3.68 -4.44
C GLN A 22 -3.80 3.25 -3.33
N SER A 23 -4.16 3.55 -2.09
CA SER A 23 -3.33 3.21 -0.94
C SER A 23 -4.19 2.73 0.22
N THR A 24 -3.67 1.76 0.97
CA THR A 24 -4.38 1.20 2.11
C THR A 24 -3.43 0.85 3.24
N TRP A 25 -3.98 0.54 4.40
CA TRP A 25 -3.17 0.18 5.57
C TRP A 25 -3.14 -1.34 5.76
N GLU A 26 -4.09 -2.03 5.16
CA GLU A 26 -4.17 -3.48 5.27
C GLU A 26 -3.46 -4.15 4.10
N LYS A 27 -3.08 -5.41 4.30
CA LYS A 27 -2.38 -6.17 3.26
C LYS A 27 -3.34 -6.57 2.15
N PRO A 28 -2.79 -6.79 0.94
CA PRO A 28 -3.58 -7.18 -0.23
C PRO A 28 -4.12 -8.60 -0.11
N ASP A 29 -5.22 -8.74 0.62
CA ASP A 29 -5.84 -10.04 0.81
C ASP A 29 -7.33 -9.98 0.48
N ASP A 30 -7.67 -9.37 -0.65
CA ASP A 30 -9.06 -9.24 -1.07
C ASP A 30 -9.21 -9.66 -2.53
N GLY A 1 -0.74 -8.13 -7.44
CA GLY A 1 0.10 -8.31 -8.63
C GLY A 1 0.88 -7.06 -8.97
N SER A 2 0.40 -5.91 -8.51
CA SER A 2 1.07 -4.64 -8.78
C SER A 2 0.96 -3.71 -7.57
N TRP A 3 0.83 -4.30 -6.39
CA TRP A 3 0.72 -3.52 -5.16
C TRP A 3 2.08 -3.33 -4.51
N THR A 4 2.50 -2.07 -4.38
CA THR A 4 3.79 -1.75 -3.78
C THR A 4 3.64 -1.46 -2.29
N GLU A 5 4.59 -1.96 -1.49
CA GLU A 5 4.57 -1.76 -0.05
C GLU A 5 5.45 -0.56 0.34
N HIS A 6 4.81 0.53 0.75
CA HIS A 6 5.52 1.72 1.15
C HIS A 6 5.02 2.23 2.50
N LYS A 7 5.95 2.45 3.43
CA LYS A 7 5.60 2.94 4.76
C LYS A 7 5.81 4.44 4.86
N SER A 8 4.88 5.13 5.51
CA SER A 8 4.97 6.58 5.68
C SER A 8 6.19 6.96 6.49
N PRO A 9 6.59 8.23 6.42
CA PRO A 9 7.75 8.75 7.14
C PRO A 9 7.52 8.81 8.64
N ASP A 10 6.31 8.45 9.07
CA ASP A 10 5.96 8.46 10.48
C ASP A 10 5.96 7.04 11.05
N GLY A 11 6.16 6.06 10.18
CA GLY A 11 6.18 4.68 10.62
C GLY A 11 4.85 3.99 10.43
N ARG A 12 4.32 4.06 9.21
CA ARG A 12 3.04 3.44 8.90
C ARG A 12 3.10 2.71 7.57
N THR A 13 3.27 1.39 7.62
CA THR A 13 3.35 0.57 6.42
C THR A 13 2.01 0.54 5.69
N TYR A 14 1.95 1.19 4.53
CA TYR A 14 0.74 1.24 3.73
C TYR A 14 0.97 0.67 2.34
N TYR A 15 -0.07 0.09 1.77
CA TYR A 15 0.02 -0.50 0.43
C TYR A 15 -0.56 0.44 -0.62
N TYR A 16 0.03 0.42 -1.82
CA TYR A 16 -0.42 1.27 -2.91
C TYR A 16 -0.45 0.49 -4.22
N ASN A 17 -1.64 0.41 -4.82
CA ASN A 17 -1.81 -0.30 -6.08
C ASN A 17 -1.42 0.59 -7.27
N THR A 18 -0.49 0.11 -8.09
CA THR A 18 -0.04 0.86 -9.25
C THR A 18 -1.01 0.71 -10.41
N GLU A 19 -1.95 -0.21 -10.28
CA GLU A 19 -2.94 -0.46 -11.31
C GLU A 19 -4.14 0.46 -11.15
N THR A 20 -4.55 0.68 -9.90
CA THR A 20 -5.68 1.54 -9.61
C THR A 20 -5.23 2.88 -9.02
N LYS A 21 -3.93 3.00 -8.81
CA LYS A 21 -3.36 4.23 -8.25
C LYS A 21 -4.01 4.56 -6.91
N GLN A 22 -4.34 3.54 -6.15
CA GLN A 22 -4.98 3.72 -4.84
C GLN A 22 -4.02 3.32 -3.72
N SER A 23 -4.37 3.69 -2.50
CA SER A 23 -3.54 3.37 -1.33
C SER A 23 -4.41 2.98 -0.14
N THR A 24 -3.97 1.97 0.59
CA THR A 24 -4.69 1.48 1.76
C THR A 24 -3.75 1.14 2.90
N TRP A 25 -4.32 0.86 4.07
CA TRP A 25 -3.53 0.51 5.24
C TRP A 25 -3.50 -1.00 5.46
N GLU A 26 -4.46 -1.69 4.85
CA GLU A 26 -4.54 -3.14 4.98
C GLU A 26 -3.85 -3.84 3.80
N LYS A 27 -3.43 -5.08 4.02
CA LYS A 27 -2.77 -5.85 2.98
C LYS A 27 -3.72 -6.18 1.84
N PRO A 28 -3.17 -6.39 0.63
CA PRO A 28 -3.96 -6.73 -0.55
C PRO A 28 -4.57 -8.13 -0.48
N ASP A 29 -4.02 -8.96 0.41
CA ASP A 29 -4.51 -10.32 0.58
C ASP A 29 -5.84 -10.33 1.33
N ASP A 30 -6.02 -9.36 2.22
CA ASP A 30 -7.25 -9.25 3.00
C ASP A 30 -8.41 -8.78 2.13
N GLY A 1 1.34 -9.16 -7.67
CA GLY A 1 0.42 -8.30 -8.40
C GLY A 1 1.06 -6.97 -8.78
N SER A 2 0.48 -5.88 -8.32
CA SER A 2 1.00 -4.54 -8.61
C SER A 2 0.92 -3.64 -7.38
N TRP A 3 0.91 -4.27 -6.20
CA TRP A 3 0.85 -3.52 -4.95
C TRP A 3 2.24 -3.28 -4.38
N THR A 4 2.62 -2.03 -4.26
CA THR A 4 3.93 -1.67 -3.73
C THR A 4 3.86 -1.37 -2.24
N GLU A 5 4.86 -1.83 -1.49
CA GLU A 5 4.91 -1.62 -0.05
C GLU A 5 5.73 -0.38 0.29
N HIS A 6 5.04 0.67 0.74
CA HIS A 6 5.71 1.92 1.10
C HIS A 6 5.25 2.40 2.48
N LYS A 7 6.21 2.67 3.36
CA LYS A 7 5.90 3.13 4.70
C LYS A 7 6.03 4.66 4.79
N SER A 8 5.10 5.28 5.49
CA SER A 8 5.11 6.74 5.66
C SER A 8 6.36 7.18 6.40
N PRO A 9 6.66 8.49 6.31
CA PRO A 9 7.83 9.08 6.97
C PRO A 9 7.67 9.12 8.49
N ASP A 10 6.51 8.69 8.97
CA ASP A 10 6.24 8.68 10.40
C ASP A 10 6.36 7.27 10.98
N GLY A 11 6.59 6.31 10.09
CA GLY A 11 6.72 4.93 10.52
C GLY A 11 5.42 4.15 10.41
N ARG A 12 4.82 4.19 9.23
CA ARG A 12 3.56 3.48 8.99
C ARG A 12 3.58 2.76 7.64
N THR A 13 3.83 1.45 7.69
CA THR A 13 3.89 0.65 6.48
C THR A 13 2.52 0.54 5.82
N TYR A 14 2.37 1.18 4.66
CA TYR A 14 1.10 1.16 3.94
C TYR A 14 1.29 0.61 2.53
N TYR A 15 0.24 -0.01 2.00
CA TYR A 15 0.29 -0.59 0.67
C TYR A 15 -0.40 0.32 -0.35
N TYR A 16 0.18 0.41 -1.54
CA TYR A 16 -0.37 1.26 -2.59
C TYR A 16 -0.44 0.49 -3.92
N ASN A 17 -1.66 0.31 -4.42
CA ASN A 17 -1.86 -0.40 -5.68
C ASN A 17 -1.56 0.49 -6.87
N THR A 18 -0.65 0.03 -7.73
CA THR A 18 -0.27 0.80 -8.91
C THR A 18 -1.26 0.59 -10.05
N GLU A 19 -2.12 -0.41 -9.90
CA GLU A 19 -3.13 -0.71 -10.91
C GLU A 19 -4.35 0.19 -10.75
N THR A 20 -4.74 0.43 -9.50
CA THR A 20 -5.89 1.28 -9.21
C THR A 20 -5.46 2.62 -8.65
N LYS A 21 -4.16 2.77 -8.41
CA LYS A 21 -3.62 4.01 -7.87
C LYS A 21 -4.24 4.33 -6.52
N GLN A 22 -4.46 3.31 -5.71
CA GLN A 22 -5.05 3.48 -4.39
C GLN A 22 -4.06 3.11 -3.30
N SER A 23 -4.41 3.43 -2.05
CA SER A 23 -3.55 3.13 -0.91
C SER A 23 -4.37 2.63 0.28
N THR A 24 -3.75 1.80 1.11
CA THR A 24 -4.42 1.24 2.28
C THR A 24 -3.42 0.91 3.38
N TRP A 25 -3.93 0.62 4.56
CA TRP A 25 -3.07 0.28 5.71
C TRP A 25 -3.01 -1.23 5.91
N GLU A 26 -3.96 -1.94 5.31
CA GLU A 26 -4.01 -3.39 5.44
C GLU A 26 -3.38 -4.07 4.21
N LYS A 27 -2.80 -5.24 4.43
CA LYS A 27 -2.16 -5.98 3.34
C LYS A 27 -3.16 -6.35 2.27
N PRO A 28 -2.67 -6.54 1.04
CA PRO A 28 -3.52 -6.91 -0.10
C PRO A 28 -4.06 -8.33 0.00
N ASP A 29 -5.14 -8.49 0.77
CA ASP A 29 -5.75 -9.79 0.96
C ASP A 29 -7.04 -9.90 0.15
N ASP A 30 -7.74 -8.79 0.00
CA ASP A 30 -8.99 -8.75 -0.75
C ASP A 30 -8.72 -8.87 -2.25
N GLY A 1 1.52 -9.17 -9.21
CA GLY A 1 1.22 -8.23 -8.15
C GLY A 1 1.60 -6.80 -8.51
N SER A 2 0.69 -5.87 -8.25
CA SER A 2 0.94 -4.46 -8.56
C SER A 2 0.86 -3.61 -7.30
N TRP A 3 0.73 -4.27 -6.15
CA TRP A 3 0.65 -3.57 -4.87
C TRP A 3 2.04 -3.39 -4.26
N THR A 4 2.48 -2.14 -4.16
CA THR A 4 3.78 -1.83 -3.59
C THR A 4 3.67 -1.52 -2.10
N GLU A 5 4.64 -2.00 -1.33
CA GLU A 5 4.66 -1.76 0.11
C GLU A 5 5.53 -0.56 0.45
N HIS A 6 4.90 0.51 0.91
CA HIS A 6 5.62 1.73 1.29
C HIS A 6 5.12 2.27 2.62
N LYS A 7 6.06 2.54 3.53
CA LYS A 7 5.73 3.06 4.84
C LYS A 7 5.92 4.57 4.90
N SER A 8 4.99 5.27 5.55
CA SER A 8 5.07 6.72 5.68
C SER A 8 6.31 7.13 6.46
N PRO A 9 6.68 8.42 6.35
CA PRO A 9 7.85 8.96 7.04
C PRO A 9 7.64 9.06 8.55
N ASP A 10 6.44 8.70 9.00
CA ASP A 10 6.10 8.75 10.42
C ASP A 10 6.14 7.35 11.02
N GLY A 11 6.36 6.35 10.18
CA GLY A 11 6.40 4.98 10.66
C GLY A 11 5.07 4.26 10.51
N ARG A 12 4.52 4.28 9.30
CA ARG A 12 3.24 3.64 9.03
C ARG A 12 3.29 2.88 7.71
N THR A 13 3.47 1.56 7.79
CA THR A 13 3.53 0.72 6.61
C THR A 13 2.18 0.65 5.91
N TYR A 14 2.11 1.26 4.73
CA TYR A 14 0.87 1.28 3.96
C TYR A 14 1.09 0.66 2.58
N TYR A 15 0.01 0.14 1.99
CA TYR A 15 0.07 -0.48 0.68
C TYR A 15 -0.56 0.42 -0.38
N TYR A 16 0.06 0.47 -1.56
CA TYR A 16 -0.43 1.29 -2.65
C TYR A 16 -0.50 0.49 -3.94
N ASN A 17 -1.70 0.36 -4.50
CA ASN A 17 -1.90 -0.38 -5.73
C ASN A 17 -1.56 0.48 -6.94
N THR A 18 -0.65 -0.02 -7.78
CA THR A 18 -0.23 0.70 -8.97
C THR A 18 -1.22 0.49 -10.12
N GLU A 19 -2.14 -0.45 -9.94
CA GLU A 19 -3.14 -0.75 -10.95
C GLU A 19 -4.32 0.21 -10.86
N THR A 20 -4.71 0.54 -9.63
CA THR A 20 -5.83 1.45 -9.41
C THR A 20 -5.35 2.78 -8.85
N LYS A 21 -4.05 2.86 -8.56
CA LYS A 21 -3.46 4.08 -8.02
C LYS A 21 -4.09 4.45 -6.69
N GLN A 22 -4.40 3.44 -5.88
CA GLN A 22 -5.00 3.67 -4.57
C GLN A 22 -4.05 3.29 -3.45
N SER A 23 -4.39 3.68 -2.23
CA SER A 23 -3.56 3.38 -1.07
C SER A 23 -4.41 2.96 0.12
N THR A 24 -3.86 2.09 0.96
CA THR A 24 -4.57 1.61 2.14
C THR A 24 -3.60 1.27 3.27
N TRP A 25 -4.14 0.95 4.43
CA TRP A 25 -3.33 0.59 5.59
C TRP A 25 -3.28 -0.92 5.78
N GLU A 26 -4.25 -1.62 5.21
CA GLU A 26 -4.31 -3.07 5.32
C GLU A 26 -3.60 -3.74 4.14
N LYS A 27 -3.16 -4.97 4.35
CA LYS A 27 -2.46 -5.72 3.31
C LYS A 27 -3.44 -6.25 2.27
N PRO A 28 -2.95 -6.48 1.05
CA PRO A 28 -3.76 -6.99 -0.06
C PRO A 28 -4.18 -8.44 0.16
N ASP A 29 -5.20 -8.65 0.99
CA ASP A 29 -5.70 -9.99 1.27
C ASP A 29 -6.91 -10.32 0.40
N ASP A 30 -7.69 -9.30 0.07
CA ASP A 30 -8.88 -9.48 -0.77
C ASP A 30 -8.48 -9.85 -2.19
N GLY A 1 0.11 -8.60 -6.38
CA GLY A 1 0.48 -8.57 -7.77
C GLY A 1 1.34 -7.37 -8.13
N SER A 2 0.74 -6.18 -8.05
CA SER A 2 1.45 -4.95 -8.38
C SER A 2 1.42 -3.98 -7.19
N TRP A 3 0.84 -4.43 -6.09
CA TRP A 3 0.74 -3.61 -4.88
C TRP A 3 2.10 -3.43 -4.23
N THR A 4 2.56 -2.19 -4.15
CA THR A 4 3.85 -1.88 -3.54
C THR A 4 3.70 -1.55 -2.06
N GLU A 5 4.64 -2.02 -1.25
CA GLU A 5 4.61 -1.77 0.19
C GLU A 5 5.50 -0.58 0.55
N HIS A 6 4.87 0.53 0.95
CA HIS A 6 5.62 1.73 1.32
C HIS A 6 5.12 2.28 2.65
N LYS A 7 6.05 2.48 3.58
CA LYS A 7 5.71 3.00 4.91
C LYS A 7 5.95 4.51 4.98
N SER A 8 5.02 5.23 5.62
CA SER A 8 5.14 6.67 5.75
C SER A 8 6.39 7.05 6.56
N PRO A 9 6.79 8.33 6.45
CA PRO A 9 7.96 8.84 7.15
C PRO A 9 7.74 8.92 8.66
N ASP A 10 6.53 8.59 9.10
CA ASP A 10 6.19 8.63 10.52
C ASP A 10 6.17 7.23 11.11
N GLY A 11 6.35 6.22 10.25
CA GLY A 11 6.35 4.84 10.71
C GLY A 11 5.00 4.19 10.54
N ARG A 12 4.47 4.24 9.32
CA ARG A 12 3.17 3.64 9.03
C ARG A 12 3.21 2.88 7.71
N THR A 13 3.35 1.56 7.79
CA THR A 13 3.40 0.72 6.61
C THR A 13 2.07 0.71 5.88
N TYR A 14 2.03 1.31 4.70
CA TYR A 14 0.81 1.38 3.90
C TYR A 14 1.04 0.77 2.52
N TYR A 15 -0.01 0.16 1.97
CA TYR A 15 0.07 -0.46 0.66
C TYR A 15 -0.50 0.45 -0.41
N TYR A 16 0.11 0.45 -1.59
CA TYR A 16 -0.33 1.28 -2.70
C TYR A 16 -0.35 0.49 -4.01
N ASN A 17 -1.54 0.40 -4.62
CA ASN A 17 -1.69 -0.33 -5.87
C ASN A 17 -1.26 0.53 -7.05
N THR A 18 -0.34 0.00 -7.86
CA THR A 18 0.16 0.72 -9.03
C THR A 18 -0.78 0.56 -10.21
N GLU A 19 -1.67 -0.42 -10.12
CA GLU A 19 -2.63 -0.69 -11.19
C GLU A 19 -3.80 0.29 -11.12
N THR A 20 -4.29 0.54 -9.91
CA THR A 20 -5.41 1.45 -9.71
C THR A 20 -4.93 2.79 -9.16
N LYS A 21 -3.66 2.84 -8.77
CA LYS A 21 -3.08 4.07 -8.23
C LYS A 21 -3.77 4.47 -6.92
N GLN A 22 -4.11 3.47 -6.11
CA GLN A 22 -4.77 3.71 -4.84
C GLN A 22 -3.86 3.33 -3.68
N SER A 23 -4.27 3.71 -2.47
CA SER A 23 -3.48 3.41 -1.27
C SER A 23 -4.40 2.98 -0.13
N THR A 24 -3.87 2.15 0.76
CA THR A 24 -4.64 1.65 1.90
C THR A 24 -3.71 1.30 3.07
N TRP A 25 -4.30 1.17 4.25
CA TRP A 25 -3.54 0.84 5.45
C TRP A 25 -3.58 -0.66 5.73
N GLU A 26 -4.53 -1.34 5.09
CA GLU A 26 -4.69 -2.78 5.28
C GLU A 26 -4.19 -3.54 4.05
N LYS A 27 -3.74 -4.78 4.27
CA LYS A 27 -3.25 -5.61 3.18
C LYS A 27 -4.24 -5.66 2.02
N PRO A 28 -3.75 -6.00 0.82
CA PRO A 28 -4.58 -6.08 -0.38
C PRO A 28 -5.53 -7.28 -0.33
N ASP A 29 -5.29 -8.19 0.60
CA ASP A 29 -6.13 -9.37 0.75
C ASP A 29 -7.32 -9.08 1.66
N ASP A 30 -7.05 -8.84 2.93
CA ASP A 30 -8.10 -8.55 3.90
C ASP A 30 -8.31 -7.04 4.03
N GLY A 1 0.26 -9.02 -7.33
CA GLY A 1 -0.11 -8.23 -8.50
C GLY A 1 0.85 -7.08 -8.73
N SER A 2 0.44 -5.87 -8.37
CA SER A 2 1.27 -4.69 -8.55
C SER A 2 1.18 -3.77 -7.33
N TRP A 3 0.99 -4.36 -6.16
CA TRP A 3 0.89 -3.61 -4.92
C TRP A 3 2.27 -3.42 -4.29
N THR A 4 2.66 -2.16 -4.13
CA THR A 4 3.96 -1.84 -3.54
C THR A 4 3.82 -1.52 -2.06
N GLU A 5 4.84 -1.91 -1.28
CA GLU A 5 4.83 -1.67 0.15
C GLU A 5 5.68 -0.46 0.51
N HIS A 6 5.03 0.63 0.93
CA HIS A 6 5.73 1.84 1.29
C HIS A 6 5.25 2.36 2.64
N LYS A 7 6.18 2.60 3.54
CA LYS A 7 5.85 3.10 4.88
C LYS A 7 6.04 4.62 4.95
N SER A 8 5.12 5.30 5.63
CA SER A 8 5.19 6.74 5.77
C SER A 8 6.43 7.15 6.55
N PRO A 9 6.80 8.44 6.44
CA PRO A 9 7.97 8.99 7.13
C PRO A 9 7.77 9.06 8.64
N ASP A 10 6.59 8.69 9.10
CA ASP A 10 6.28 8.70 10.53
C ASP A 10 6.32 7.30 11.11
N GLY A 11 6.53 6.31 10.25
CA GLY A 11 6.58 4.93 10.70
C GLY A 11 5.25 4.22 10.55
N ARG A 12 4.68 4.27 9.34
CA ARG A 12 3.40 3.63 9.07
C ARG A 12 3.43 2.87 7.75
N THR A 13 3.62 1.56 7.81
CA THR A 13 3.68 0.73 6.62
C THR A 13 2.32 0.69 5.92
N TYR A 14 2.25 1.28 4.74
CA TYR A 14 1.01 1.31 3.98
C TYR A 14 1.22 0.73 2.58
N TYR A 15 0.17 0.13 2.03
CA TYR A 15 0.24 -0.46 0.70
C TYR A 15 -0.36 0.46 -0.34
N TYR A 16 0.22 0.45 -1.55
CA TYR A 16 -0.25 1.29 -2.64
C TYR A 16 -0.29 0.52 -3.94
N ASN A 17 -1.49 0.39 -4.52
CA ASN A 17 -1.66 -0.33 -5.78
C ASN A 17 -1.29 0.56 -6.97
N THR A 18 -0.36 0.08 -7.79
CA THR A 18 0.07 0.83 -8.96
C THR A 18 -0.90 0.67 -10.11
N GLU A 19 -1.80 -0.30 -10.00
CA GLU A 19 -2.80 -0.55 -11.03
C GLU A 19 -4.00 0.37 -10.86
N THR A 20 -4.42 0.58 -9.61
CA THR A 20 -5.56 1.43 -9.32
C THR A 20 -5.11 2.77 -8.74
N LYS A 21 -3.81 2.92 -8.56
CA LYS A 21 -3.24 4.15 -8.02
C LYS A 21 -3.88 4.50 -6.68
N GLN A 22 -4.19 3.48 -5.89
CA GLN A 22 -4.81 3.67 -4.59
C GLN A 22 -3.86 3.27 -3.47
N SER A 23 -4.24 3.59 -2.23
CA SER A 23 -3.41 3.27 -1.08
C SER A 23 -4.27 2.83 0.10
N THR A 24 -3.69 2.05 1.00
CA THR A 24 -4.40 1.56 2.18
C THR A 24 -3.44 1.20 3.31
N TRP A 25 -3.99 0.89 4.47
CA TRP A 25 -3.17 0.54 5.63
C TRP A 25 -3.13 -0.97 5.82
N GLU A 26 -4.12 -1.66 5.24
CA GLU A 26 -4.19 -3.11 5.34
C GLU A 26 -3.50 -3.79 4.17
N LYS A 27 -3.16 -5.06 4.34
CA LYS A 27 -2.49 -5.82 3.30
C LYS A 27 -3.47 -6.26 2.22
N PRO A 28 -2.96 -6.47 0.99
CA PRO A 28 -3.78 -6.89 -0.15
C PRO A 28 -4.29 -8.33 0.00
N ASP A 29 -5.35 -8.50 0.79
CA ASP A 29 -5.93 -9.81 1.01
C ASP A 29 -7.33 -9.89 0.41
N ASP A 30 -7.55 -9.17 -0.68
CA ASP A 30 -8.85 -9.16 -1.35
C ASP A 30 -8.99 -10.37 -2.26
N GLY A 1 0.28 -9.54 -9.10
CA GLY A 1 -0.18 -8.28 -8.51
C GLY A 1 0.80 -7.14 -8.76
N SER A 2 0.40 -5.93 -8.39
CA SER A 2 1.24 -4.76 -8.57
C SER A 2 1.14 -3.82 -7.37
N TRP A 3 1.01 -4.40 -6.18
CA TRP A 3 0.90 -3.62 -4.96
C TRP A 3 2.27 -3.37 -4.35
N THR A 4 2.63 -2.10 -4.21
CA THR A 4 3.92 -1.72 -3.64
C THR A 4 3.80 -1.42 -2.15
N GLU A 5 4.84 -1.74 -1.39
CA GLU A 5 4.85 -1.50 0.04
C GLU A 5 5.66 -0.26 0.38
N HIS A 6 4.97 0.80 0.80
CA HIS A 6 5.64 2.04 1.16
C HIS A 6 5.15 2.55 2.52
N LYS A 7 6.09 2.84 3.41
CA LYS A 7 5.76 3.33 4.74
C LYS A 7 5.87 4.85 4.81
N SER A 8 4.94 5.48 5.50
CA SER A 8 4.94 6.94 5.64
C SER A 8 6.19 7.41 6.38
N PRO A 9 6.49 8.71 6.26
CA PRO A 9 7.65 9.33 6.91
C PRO A 9 7.50 9.39 8.42
N ASP A 10 6.35 8.95 8.92
CA ASP A 10 6.08 8.96 10.36
C ASP A 10 6.20 7.55 10.94
N GLY A 11 6.42 6.57 10.07
CA GLY A 11 6.55 5.19 10.51
C GLY A 11 5.24 4.43 10.40
N ARG A 12 4.64 4.45 9.22
CA ARG A 12 3.38 3.76 8.99
C ARG A 12 3.41 3.02 7.66
N THR A 13 3.64 1.71 7.73
CA THR A 13 3.70 0.87 6.52
C THR A 13 2.33 0.78 5.85
N TYR A 14 2.23 1.33 4.65
CA TYR A 14 0.97 1.31 3.91
C TYR A 14 1.18 0.75 2.51
N TYR A 15 0.16 0.07 1.99
CA TYR A 15 0.22 -0.53 0.66
C TYR A 15 -0.44 0.38 -0.37
N TYR A 16 0.10 0.39 -1.58
CA TYR A 16 -0.43 1.20 -2.66
C TYR A 16 -0.45 0.43 -3.98
N ASN A 17 -1.65 0.24 -4.52
CA ASN A 17 -1.82 -0.49 -5.77
C ASN A 17 -1.53 0.42 -6.97
N THR A 18 -0.61 -0.02 -7.83
CA THR A 18 -0.24 0.75 -9.01
C THR A 18 -1.23 0.53 -10.14
N GLU A 19 -2.04 -0.52 -10.02
CA GLU A 19 -3.04 -0.84 -11.03
C GLU A 19 -4.26 0.05 -10.89
N THR A 20 -4.69 0.27 -9.65
CA THR A 20 -5.86 1.11 -9.38
C THR A 20 -5.44 2.47 -8.82
N LYS A 21 -4.14 2.63 -8.56
CA LYS A 21 -3.62 3.87 -8.02
C LYS A 21 -4.26 4.21 -6.68
N GLN A 22 -4.50 3.18 -5.87
CA GLN A 22 -5.11 3.37 -4.56
C GLN A 22 -4.12 3.02 -3.45
N SER A 23 -4.49 3.32 -2.22
CA SER A 23 -3.64 3.05 -1.07
C SER A 23 -4.47 2.56 0.12
N THR A 24 -3.82 1.83 1.02
CA THR A 24 -4.49 1.30 2.20
C THR A 24 -3.49 0.99 3.32
N TRP A 25 -4.01 0.70 4.50
CA TRP A 25 -3.16 0.39 5.65
C TRP A 25 -3.07 -1.12 5.86
N GLU A 26 -4.03 -1.85 5.29
CA GLU A 26 -4.07 -3.30 5.42
C GLU A 26 -3.52 -3.97 4.16
N LYS A 27 -2.83 -5.09 4.35
CA LYS A 27 -2.27 -5.84 3.24
C LYS A 27 -3.32 -6.13 2.17
N PRO A 28 -2.87 -6.30 0.92
CA PRO A 28 -3.76 -6.58 -0.21
C PRO A 28 -4.38 -7.97 -0.13
N ASP A 29 -5.41 -8.12 0.69
CA ASP A 29 -6.09 -9.39 0.86
C ASP A 29 -7.60 -9.24 0.69
N ASP A 30 -8.01 -8.22 -0.07
CA ASP A 30 -9.42 -7.97 -0.30
C ASP A 30 -9.76 -8.08 -1.78
N GLY A 1 0.38 -9.23 -7.66
CA GLY A 1 -0.21 -8.21 -8.51
C GLY A 1 0.75 -7.07 -8.78
N SER A 2 0.30 -5.85 -8.47
CA SER A 2 1.12 -4.66 -8.68
C SER A 2 1.02 -3.71 -7.49
N TRP A 3 0.86 -4.28 -6.30
CA TRP A 3 0.76 -3.49 -5.08
C TRP A 3 2.12 -3.30 -4.43
N THR A 4 2.54 -2.04 -4.31
CA THR A 4 3.82 -1.71 -3.71
C THR A 4 3.69 -1.41 -2.23
N GLU A 5 4.65 -1.87 -1.45
CA GLU A 5 4.64 -1.66 0.00
C GLU A 5 5.51 -0.46 0.38
N HIS A 6 4.87 0.62 0.82
CA HIS A 6 5.60 1.83 1.21
C HIS A 6 5.08 2.34 2.55
N LYS A 7 6.01 2.58 3.47
CA LYS A 7 5.66 3.08 4.80
C LYS A 7 5.84 4.60 4.88
N SER A 8 4.92 5.27 5.56
CA SER A 8 4.98 6.72 5.70
C SER A 8 6.23 7.13 6.48
N PRO A 9 6.59 8.42 6.38
CA PRO A 9 7.76 8.96 7.08
C PRO A 9 7.57 9.04 8.58
N ASP A 10 6.39 8.64 9.05
CA ASP A 10 6.07 8.65 10.47
C ASP A 10 6.11 7.24 11.05
N GLY A 11 6.32 6.26 10.18
CA GLY A 11 6.38 4.88 10.63
C GLY A 11 5.04 4.16 10.47
N ARG A 12 4.48 4.22 9.27
CA ARG A 12 3.21 3.57 9.00
C ARG A 12 3.24 2.84 7.67
N THR A 13 3.39 1.52 7.72
CA THR A 13 3.44 0.71 6.51
C THR A 13 2.09 0.69 5.80
N TYR A 14 2.05 1.25 4.60
CA TYR A 14 0.81 1.30 3.83
C TYR A 14 1.04 0.73 2.43
N TYR A 15 -0.01 0.12 1.87
CA TYR A 15 0.07 -0.46 0.54
C TYR A 15 -0.54 0.47 -0.50
N TYR A 16 0.05 0.48 -1.69
CA TYR A 16 -0.43 1.33 -2.77
C TYR A 16 -0.46 0.57 -4.09
N ASN A 17 -1.67 0.42 -4.65
CA ASN A 17 -1.85 -0.29 -5.91
C ASN A 17 -1.48 0.60 -7.09
N THR A 18 -0.56 0.12 -7.93
CA THR A 18 -0.13 0.87 -9.10
C THR A 18 -1.10 0.69 -10.26
N GLU A 19 -1.99 -0.30 -10.14
CA GLU A 19 -2.97 -0.56 -11.19
C GLU A 19 -4.15 0.40 -11.07
N THR A 20 -4.59 0.66 -9.84
CA THR A 20 -5.70 1.55 -9.59
C THR A 20 -5.23 2.88 -9.01
N LYS A 21 -3.93 2.97 -8.73
CA LYS A 21 -3.35 4.18 -8.18
C LYS A 21 -4.01 4.54 -6.84
N GLN A 22 -4.32 3.52 -6.05
CA GLN A 22 -4.95 3.72 -4.76
C GLN A 22 -4.01 3.32 -3.62
N SER A 23 -4.40 3.64 -2.40
CA SER A 23 -3.58 3.30 -1.23
C SER A 23 -4.46 2.85 -0.07
N THR A 24 -3.87 2.06 0.83
CA THR A 24 -4.60 1.56 1.99
C THR A 24 -3.65 1.20 3.12
N TRP A 25 -4.21 0.92 4.30
CA TRP A 25 -3.40 0.55 5.45
C TRP A 25 -3.40 -0.96 5.67
N GLU A 26 -4.37 -1.64 5.06
CA GLU A 26 -4.48 -3.09 5.18
C GLU A 26 -3.79 -3.78 4.01
N LYS A 27 -3.38 -5.02 4.22
CA LYS A 27 -2.71 -5.80 3.18
C LYS A 27 -3.67 -6.13 2.04
N PRO A 28 -3.11 -6.34 0.84
CA PRO A 28 -3.89 -6.66 -0.35
C PRO A 28 -4.51 -8.05 -0.28
N ASP A 29 -3.99 -8.89 0.61
CA ASP A 29 -4.49 -10.25 0.79
C ASP A 29 -5.43 -10.33 1.99
N ASP A 30 -6.31 -9.35 2.12
CA ASP A 30 -7.27 -9.31 3.22
C ASP A 30 -8.35 -10.37 3.05
#